data_7Y01
#
_entry.id   7Y01
#
_cell.length_a   85.180
_cell.length_b   85.180
_cell.length_c   103.912
_cell.angle_alpha   90.000
_cell.angle_beta   90.000
_cell.angle_gamma   120.000
#
_symmetry.space_group_name_H-M   'P 32 2 1'
#
loop_
_entity.id
_entity.type
_entity.pdbx_description
1 polymer 'MCM10 minichromosome maintenance deficient 10'
2 polymer "DNA (5'-D(*CP*CP*CP*CP*CP*CP*CP*CP*CP*CP*CP*CP*CP*CP*CP*C)-3')"
3 non-polymer 'ZINC ION'
#
loop_
_entity_poly.entity_id
_entity_poly.type
_entity_poly.pdbx_seq_one_letter_code
_entity_poly.pdbx_strand_id
1 'polypeptide(L)'
;STEILVDKYSGLRIKHLTLSPLEISNRFADIRFVRITALKNSVGSDRFSGCWATAGVLLDKGVQRVSAKGSSYSIWKMGA
LDETDVSLFLFGDAHVHYSGAAVGSVFAVFNGNVRMDNGGKGFSMSVASVGQMLKMGVASDFGLCKGKRKDGVACTMAIN
KSKGSYCKFHSSKTSQKYTTGRVELKGGN
;
A
2 'polydeoxyribonucleotide' (DC)(DC)(DC)(DC)(DC)(DC)(DC)(DC)(DC)(DC)(DC)(DC)(DC)(DC)(DC)(DC) B
#
# COMPACT_ATOMS: atom_id res chain seq x y z
N SER A 1 -3.18 -24.05 10.47
CA SER A 1 -2.89 -23.10 11.55
C SER A 1 -2.46 -21.76 10.99
N THR A 2 -2.07 -20.87 11.90
CA THR A 2 -1.53 -19.56 11.55
C THR A 2 -0.16 -19.71 10.88
N GLU A 3 0.02 -19.02 9.76
CA GLU A 3 1.33 -18.96 9.11
C GLU A 3 1.69 -17.51 8.82
N ILE A 4 2.61 -16.96 9.59
CA ILE A 4 2.98 -15.56 9.48
C ILE A 4 4.44 -15.37 9.05
N LEU A 5 4.65 -14.57 8.01
CA LEU A 5 5.99 -14.19 7.61
C LEU A 5 6.34 -12.83 8.17
N VAL A 6 7.49 -12.72 8.82
CA VAL A 6 7.99 -11.44 9.28
C VAL A 6 9.00 -10.93 8.27
N ASP A 7 8.52 -10.15 7.31
CA ASP A 7 9.29 -9.80 6.11
C ASP A 7 10.29 -8.66 6.35
N LYS A 8 11.53 -8.88 5.91
CA LYS A 8 12.58 -7.88 6.06
C LYS A 8 12.45 -6.76 5.03
N TYR A 9 11.90 -7.09 3.86
CA TYR A 9 11.73 -6.12 2.80
C TYR A 9 10.68 -5.07 3.15
N SER A 10 9.43 -5.50 3.24
CA SER A 10 8.32 -4.59 3.56
C SER A 10 8.39 -4.09 4.99
N GLY A 11 8.94 -4.92 5.88
CA GLY A 11 8.95 -4.61 7.29
C GLY A 11 7.58 -4.90 7.88
N LEU A 12 6.78 -5.64 7.12
CA LEU A 12 5.44 -6.00 7.54
C LEU A 12 5.36 -7.46 7.96
N ARG A 13 4.28 -7.82 8.64
CA ARG A 13 4.02 -9.20 9.00
C ARG A 13 2.84 -9.70 8.19
N ILE A 14 3.07 -10.75 7.41
CA ILE A 14 2.13 -11.17 6.39
C ILE A 14 1.62 -12.60 6.62
N LYS A 15 0.30 -12.73 6.64
CA LYS A 15 -0.35 -14.04 6.69
C LYS A 15 -1.07 -14.28 5.38
N HIS A 16 -1.65 -15.46 5.22
CA HIS A 16 -2.28 -15.87 3.97
C HIS A 16 -1.33 -15.67 2.79
N LEU A 17 -0.08 -16.08 3.00
CA LEU A 17 0.99 -15.93 2.01
C LEU A 17 0.60 -16.50 0.64
N THR A 18 0.83 -15.71 -0.40
CA THR A 18 0.55 -16.14 -1.76
C THR A 18 1.80 -16.68 -2.44
N LEU A 19 2.92 -16.60 -1.73
CA LEU A 19 4.22 -17.05 -2.24
C LEU A 19 5.16 -17.44 -1.11
N SER A 20 6.21 -18.17 -1.45
CA SER A 20 7.23 -18.58 -0.49
C SER A 20 8.24 -17.45 -0.29
N PRO A 21 8.92 -17.43 0.87
CA PRO A 21 10.03 -16.50 1.14
C PRO A 21 11.08 -16.48 0.04
N LEU A 22 11.38 -17.65 -0.52
CA LEU A 22 12.33 -17.75 -1.62
C LEU A 22 11.81 -16.99 -2.85
N GLU A 23 10.52 -17.12 -3.11
CA GLU A 23 9.90 -16.44 -4.24
C GLU A 23 9.93 -14.92 -4.05
N ILE A 24 9.87 -14.47 -2.80
CA ILE A 24 9.99 -13.05 -2.51
C ILE A 24 11.36 -12.54 -2.93
N SER A 25 12.41 -13.17 -2.42
CA SER A 25 13.78 -12.74 -2.71
C SER A 25 14.03 -12.73 -4.21
N ASN A 26 13.38 -13.64 -4.93
CA ASN A 26 13.47 -13.71 -6.38
C ASN A 26 12.87 -12.49 -7.08
N ARG A 27 11.68 -12.09 -6.64
CA ARG A 27 11.02 -10.91 -7.20
C ARG A 27 11.82 -9.64 -6.89
N PHE A 28 12.42 -9.59 -5.71
CA PHE A 28 13.13 -8.41 -5.25
C PHE A 28 14.63 -8.48 -5.53
N ALA A 29 15.04 -9.48 -6.29
CA ALA A 29 16.46 -9.78 -6.51
C ALA A 29 17.25 -8.61 -7.08
N ASP A 30 16.89 -8.17 -8.28
CA ASP A 30 17.64 -7.14 -8.98
C ASP A 30 16.94 -5.79 -8.90
N ILE A 31 16.29 -5.53 -7.78
CA ILE A 31 15.47 -4.34 -7.61
C ILE A 31 15.87 -3.59 -6.34
N ARG A 32 16.02 -2.27 -6.45
CA ARG A 32 16.23 -1.44 -5.27
C ARG A 32 14.94 -1.32 -4.49
N PHE A 33 14.91 -1.87 -3.28
CA PHE A 33 13.70 -1.80 -2.46
C PHE A 33 13.73 -0.57 -1.55
N VAL A 34 12.63 0.17 -1.55
CA VAL A 34 12.49 1.30 -0.65
C VAL A 34 11.27 1.11 0.24
N ARG A 35 11.47 1.13 1.55
CA ARG A 35 10.40 1.01 2.51
C ARG A 35 9.34 2.08 2.27
N ILE A 36 8.07 1.70 2.34
CA ILE A 36 6.98 2.58 1.98
C ILE A 36 6.92 3.85 2.84
N THR A 37 7.51 3.78 4.03
CA THR A 37 7.50 4.92 4.94
C THR A 37 8.68 5.85 4.67
N ALA A 38 9.73 5.31 4.06
CA ALA A 38 10.90 6.10 3.72
C ALA A 38 10.68 6.93 2.47
N LEU A 39 9.60 6.65 1.76
CA LEU A 39 9.33 7.24 0.44
C LEU A 39 9.35 8.76 0.43
N LYS A 40 8.57 9.39 1.31
CA LYS A 40 8.45 10.85 1.31
C LYS A 40 9.78 11.54 1.58
N ASN A 41 10.64 10.90 2.35
CA ASN A 41 11.95 11.44 2.66
C ASN A 41 13.01 10.99 1.65
N SER A 42 12.57 10.36 0.57
CA SER A 42 13.49 9.81 -0.41
C SER A 42 13.38 10.48 -1.78
N VAL A 43 12.60 11.55 -1.84
CA VAL A 43 12.40 12.26 -3.11
C VAL A 43 13.60 13.16 -3.42
N GLY A 44 14.04 13.11 -4.68
CA GLY A 44 15.13 13.96 -5.13
C GLY A 44 16.50 13.52 -4.68
N SER A 45 16.67 12.21 -4.51
CA SER A 45 17.96 11.65 -4.10
C SER A 45 18.32 10.47 -4.99
N ASP A 46 17.72 10.44 -6.18
CA ASP A 46 17.98 9.41 -7.19
C ASP A 46 17.67 8.00 -6.67
N ARG A 47 16.56 7.86 -5.95
CA ARG A 47 16.17 6.56 -5.39
C ARG A 47 15.30 5.76 -6.35
N PHE A 48 14.57 6.46 -7.22
CA PHE A 48 13.59 5.82 -8.09
C PHE A 48 14.02 5.79 -9.56
N SER A 49 15.29 6.07 -9.82
CA SER A 49 15.79 6.22 -11.19
C SER A 49 15.74 4.91 -11.99
N GLY A 50 16.33 3.86 -11.41
CA GLY A 50 16.36 2.57 -12.09
C GLY A 50 15.12 1.76 -11.80
N CYS A 51 15.27 0.44 -11.72
CA CYS A 51 14.18 -0.43 -11.32
C CYS A 51 14.09 -0.46 -9.80
N TRP A 52 12.88 -0.18 -9.28
CA TRP A 52 12.68 -0.12 -7.84
C TRP A 52 11.33 -0.71 -7.48
N ALA A 53 11.14 -1.00 -6.19
CA ALA A 53 9.87 -1.50 -5.70
C ALA A 53 9.65 -1.13 -4.24
N THR A 54 8.38 -1.08 -3.85
CA THR A 54 8.02 -0.88 -2.46
C THR A 54 6.90 -1.85 -2.10
N ALA A 55 6.49 -1.85 -0.83
CA ALA A 55 5.40 -2.73 -0.39
C ALA A 55 4.69 -2.09 0.79
N GLY A 56 3.37 -2.21 0.81
CA GLY A 56 2.58 -1.65 1.89
C GLY A 56 1.22 -2.28 2.00
N VAL A 57 0.48 -1.90 3.04
CA VAL A 57 -0.86 -2.40 3.27
C VAL A 57 -1.89 -1.52 2.58
N LEU A 58 -2.90 -2.13 1.97
CA LEU A 58 -4.00 -1.38 1.40
C LEU A 58 -4.92 -0.87 2.50
N LEU A 59 -4.87 0.43 2.76
CA LEU A 59 -5.63 1.04 3.85
C LEU A 59 -7.03 1.48 3.41
N ASP A 60 -7.09 2.11 2.25
CA ASP A 60 -8.34 2.70 1.76
C ASP A 60 -8.40 2.57 0.24
N LYS A 61 -9.52 2.08 -0.28
CA LYS A 61 -9.68 1.89 -1.72
C LYS A 61 -10.27 3.13 -2.39
N GLY A 62 -10.59 4.15 -1.59
CA GLY A 62 -11.12 5.38 -2.11
C GLY A 62 -12.41 5.19 -2.89
N VAL A 63 -12.65 6.06 -3.86
CA VAL A 63 -13.87 6.00 -4.65
C VAL A 63 -13.54 5.82 -6.14
N GLN A 64 -14.51 5.30 -6.90
CA GLN A 64 -14.35 5.13 -8.34
C GLN A 64 -14.06 6.46 -9.03
N ARG A 65 -13.10 6.46 -9.94
CA ARG A 65 -12.71 7.68 -10.64
C ARG A 65 -12.69 7.46 -12.14
N VAL A 66 -12.75 8.55 -12.90
CA VAL A 66 -12.68 8.48 -14.36
C VAL A 66 -11.61 9.43 -14.88
N SER A 67 -10.71 8.89 -15.71
CA SER A 67 -9.66 9.69 -16.34
C SER A 67 -10.25 10.74 -17.27
N ALA A 68 -9.44 11.72 -17.64
CA ALA A 68 -9.84 12.72 -18.61
C ALA A 68 -10.14 12.05 -19.95
N LYS A 69 -9.41 10.98 -20.23
CA LYS A 69 -9.57 10.21 -21.45
C LYS A 69 -10.85 9.36 -21.40
N GLY A 70 -11.46 9.28 -20.22
CA GLY A 70 -12.71 8.55 -20.06
C GLY A 70 -12.55 7.17 -19.46
N SER A 71 -11.32 6.80 -19.12
CA SER A 71 -11.05 5.49 -18.54
C SER A 71 -11.14 5.53 -17.02
N SER A 72 -11.54 4.42 -16.42
CA SER A 72 -11.66 4.33 -14.98
C SER A 72 -10.30 4.10 -14.33
N TYR A 73 -10.13 4.59 -13.12
CA TYR A 73 -8.90 4.36 -12.37
C TYR A 73 -9.14 4.46 -10.87
N SER A 74 -8.13 4.07 -10.09
CA SER A 74 -8.26 4.02 -8.64
C SER A 74 -7.18 4.83 -7.94
N ILE A 75 -7.50 5.32 -6.75
CA ILE A 75 -6.53 5.96 -5.88
C ILE A 75 -6.52 5.27 -4.52
N TRP A 76 -5.44 4.55 -4.23
CA TRP A 76 -5.34 3.78 -3.00
C TRP A 76 -4.51 4.47 -1.93
N LYS A 77 -4.93 4.33 -0.69
CA LYS A 77 -4.11 4.74 0.44
C LYS A 77 -3.30 3.52 0.91
N MET A 78 -1.99 3.63 0.84
CA MET A 78 -1.09 2.55 1.24
C MET A 78 -0.20 2.99 2.39
N GLY A 79 0.13 2.06 3.28
CA GLY A 79 0.98 2.38 4.42
C GLY A 79 1.45 1.17 5.20
N ALA A 80 2.27 1.42 6.21
CA ALA A 80 2.81 0.36 7.05
C ALA A 80 2.08 0.30 8.39
N LEU A 81 0.83 0.79 8.40
CA LEU A 81 0.01 0.82 9.61
C LEU A 81 0.71 1.57 10.74
N ASP A 82 1.19 2.78 10.44
CA ASP A 82 1.95 3.57 11.41
C ASP A 82 1.71 5.07 11.27
N GLU A 83 0.46 5.46 11.05
CA GLU A 83 0.08 6.88 10.94
C GLU A 83 0.63 7.56 9.69
N THR A 84 1.34 6.82 8.85
CA THR A 84 1.90 7.38 7.63
C THR A 84 1.35 6.65 6.41
N ASP A 85 0.75 7.40 5.49
CA ASP A 85 0.19 6.82 4.28
C ASP A 85 0.79 7.45 3.02
N VAL A 86 0.38 6.91 1.87
CA VAL A 86 0.90 7.36 0.59
C VAL A 86 -0.16 7.03 -0.47
N SER A 87 -0.22 7.80 -1.54
CA SER A 87 -1.22 7.59 -2.57
C SER A 87 -0.69 6.73 -3.72
N LEU A 88 -1.49 5.75 -4.14
CA LEU A 88 -1.17 4.93 -5.30
C LEU A 88 -2.26 5.06 -6.36
N PHE A 89 -1.85 5.43 -7.57
CA PHE A 89 -2.79 5.55 -8.68
C PHE A 89 -2.74 4.29 -9.55
N LEU A 90 -3.88 3.60 -9.64
CA LEU A 90 -4.00 2.43 -10.52
C LEU A 90 -4.63 2.81 -11.85
N PHE A 91 -3.87 2.71 -12.93
CA PHE A 91 -4.38 3.03 -14.26
C PHE A 91 -4.53 1.78 -15.12
N GLY A 92 -5.36 1.88 -16.16
CA GLY A 92 -5.50 0.85 -17.16
C GLY A 92 -5.66 -0.57 -16.67
N ASP A 93 -4.78 -1.46 -17.12
CA ASP A 93 -4.84 -2.88 -16.77
C ASP A 93 -4.68 -3.09 -15.26
N ALA A 94 -3.82 -2.29 -14.64
CA ALA A 94 -3.58 -2.40 -13.20
C ALA A 94 -4.86 -2.17 -12.42
N HIS A 95 -5.66 -1.19 -12.85
CA HIS A 95 -6.94 -0.93 -12.22
C HIS A 95 -7.93 -2.05 -12.51
N VAL A 96 -7.97 -2.49 -13.76
CA VAL A 96 -8.86 -3.57 -14.18
C VAL A 96 -8.66 -4.82 -13.34
N HIS A 97 -7.39 -5.10 -13.03
CA HIS A 97 -7.01 -6.39 -12.50
C HIS A 97 -6.80 -6.42 -10.99
N TYR A 98 -6.95 -5.28 -10.34
CA TYR A 98 -6.67 -5.21 -8.91
C TYR A 98 -7.62 -4.31 -8.12
N SER A 99 -8.57 -3.68 -8.80
CA SER A 99 -9.48 -2.75 -8.12
C SER A 99 -10.43 -3.46 -7.17
N GLY A 100 -10.57 -4.76 -7.34
CA GLY A 100 -11.45 -5.55 -6.49
C GLY A 100 -10.75 -6.11 -5.27
N ALA A 101 -9.48 -5.77 -5.11
CA ALA A 101 -8.69 -6.28 -4.00
C ALA A 101 -9.30 -5.87 -2.66
N ALA A 102 -8.95 -6.62 -1.61
CA ALA A 102 -9.52 -6.38 -0.29
C ALA A 102 -8.62 -5.48 0.55
N VAL A 103 -9.24 -4.54 1.26
CA VAL A 103 -8.52 -3.71 2.22
C VAL A 103 -7.86 -4.61 3.26
N GLY A 104 -6.58 -4.39 3.51
CA GLY A 104 -5.82 -5.22 4.42
C GLY A 104 -4.77 -6.03 3.68
N SER A 105 -4.94 -6.13 2.36
CA SER A 105 -4.00 -6.85 1.52
C SER A 105 -2.62 -6.20 1.54
N VAL A 106 -1.58 -7.02 1.40
CA VAL A 106 -0.23 -6.50 1.28
C VAL A 106 0.21 -6.60 -0.18
N PHE A 107 0.49 -5.45 -0.78
CA PHE A 107 0.89 -5.40 -2.18
C PHE A 107 2.33 -4.95 -2.34
N ALA A 108 3.06 -5.63 -3.21
CA ALA A 108 4.34 -5.12 -3.67
C ALA A 108 4.08 -4.28 -4.93
N VAL A 109 4.66 -3.10 -4.99
CA VAL A 109 4.48 -2.22 -6.14
C VAL A 109 5.79 -2.08 -6.90
N PHE A 110 5.77 -2.29 -8.21
CA PHE A 110 6.99 -2.27 -9.01
C PHE A 110 7.06 -1.11 -9.99
N ASN A 111 8.15 -0.35 -9.90
CA ASN A 111 8.48 0.70 -10.88
C ASN A 111 7.40 1.77 -11.07
N GLY A 112 6.78 2.18 -9.98
CA GLY A 112 5.79 3.24 -10.04
C GLY A 112 6.42 4.58 -10.35
N ASN A 113 5.76 5.37 -11.19
CA ASN A 113 6.18 6.74 -11.46
C ASN A 113 5.84 7.63 -10.27
N VAL A 114 6.79 8.42 -9.83
CA VAL A 114 6.66 9.18 -8.58
C VAL A 114 6.28 10.65 -8.80
N ARG A 115 5.28 11.11 -8.04
CA ARG A 115 4.95 12.53 -7.95
C ARG A 115 5.00 12.98 -6.50
N MET A 116 5.76 14.04 -6.23
CA MET A 116 5.86 14.60 -4.89
C MET A 116 5.29 16.01 -4.86
N ASP A 117 4.35 16.25 -3.95
CA ASP A 117 3.73 17.56 -3.82
C ASP A 117 4.10 18.17 -2.46
N ASN A 118 5.00 19.15 -2.49
CA ASN A 118 5.43 19.79 -1.25
C ASN A 118 4.44 20.86 -0.78
N GLY A 119 3.27 20.87 -1.40
CA GLY A 119 2.21 21.78 -1.02
C GLY A 119 1.28 21.15 -0.01
N GLY A 120 1.63 19.95 0.45
CA GLY A 120 0.87 19.30 1.51
C GLY A 120 0.21 17.99 1.11
N LYS A 121 -0.02 17.80 -0.18
CA LYS A 121 -0.70 16.59 -0.64
C LYS A 121 0.25 15.39 -0.62
N GLY A 122 1.55 15.67 -0.68
CA GLY A 122 2.56 14.67 -0.40
C GLY A 122 2.94 13.68 -1.50
N PHE A 123 3.51 12.56 -1.07
CA PHE A 123 4.02 11.54 -1.98
C PHE A 123 2.92 10.72 -2.63
N SER A 124 3.07 10.47 -3.92
CA SER A 124 2.17 9.59 -4.64
C SER A 124 2.93 8.86 -5.74
N MET A 125 2.48 7.69 -6.12
CA MET A 125 3.09 6.96 -7.20
C MET A 125 2.00 6.37 -8.04
N SER A 126 2.30 6.02 -9.27
CA SER A 126 1.31 5.43 -10.13
C SER A 126 1.83 4.27 -10.92
N VAL A 127 0.95 3.35 -11.27
CA VAL A 127 1.31 2.20 -12.07
C VAL A 127 0.20 1.93 -13.04
N ALA A 128 0.51 1.31 -14.17
CA ALA A 128 -0.53 0.94 -15.11
C ALA A 128 -0.55 -0.46 -15.65
N SER A 129 0.36 -1.32 -15.23
CA SER A 129 0.54 -2.62 -15.86
C SER A 129 0.36 -3.73 -14.86
N VAL A 130 -0.01 -4.90 -15.33
CA VAL A 130 -0.36 -5.98 -14.43
C VAL A 130 0.76 -6.43 -13.54
N GLY A 131 1.95 -6.47 -14.07
CA GLY A 131 3.10 -6.98 -13.32
C GLY A 131 3.69 -5.97 -12.35
N GLN A 132 3.07 -4.81 -12.24
CA GLN A 132 3.52 -3.79 -11.31
C GLN A 132 2.87 -3.96 -9.95
N MET A 133 1.93 -4.88 -9.86
CA MET A 133 1.25 -5.18 -8.61
C MET A 133 1.39 -6.65 -8.26
N LEU A 134 1.85 -6.92 -7.04
CA LEU A 134 1.94 -8.28 -6.55
C LEU A 134 1.36 -8.38 -5.14
N LYS A 135 0.25 -9.10 -5.01
CA LYS A 135 -0.33 -9.35 -3.69
C LYS A 135 0.48 -10.40 -2.97
N MET A 136 1.13 -10.01 -1.87
CA MET A 136 1.99 -10.90 -1.11
C MET A 136 1.18 -11.69 -0.10
N GLY A 137 0.04 -11.14 0.30
CA GLY A 137 -0.82 -11.76 1.28
C GLY A 137 -1.67 -10.76 2.03
N VAL A 138 -1.87 -10.99 3.32
CA VAL A 138 -2.69 -10.12 4.14
C VAL A 138 -1.91 -9.69 5.39
N ALA A 139 -1.97 -8.39 5.69
CA ALA A 139 -1.31 -7.85 6.88
C ALA A 139 -1.89 -8.48 8.14
N SER A 140 -1.05 -9.18 8.90
CA SER A 140 -1.52 -9.90 10.07
C SER A 140 -1.84 -8.93 11.21
N ASP A 141 -1.35 -7.70 11.10
CA ASP A 141 -1.56 -6.70 12.14
C ASP A 141 -2.67 -5.71 11.76
N PHE A 142 -3.27 -5.90 10.59
CA PHE A 142 -4.29 -4.97 10.12
C PHE A 142 -5.61 -5.13 10.86
N GLY A 143 -6.26 -4.02 11.14
CA GLY A 143 -7.59 -4.00 11.72
C GLY A 143 -8.26 -2.67 11.44
N LEU A 144 -9.57 -2.60 11.67
CA LEU A 144 -10.27 -1.34 11.57
C LEU A 144 -10.50 -0.75 12.95
N CYS A 145 -10.40 0.56 13.08
CA CYS A 145 -10.72 1.26 14.31
C CYS A 145 -12.09 0.89 14.86
N LYS A 146 -12.14 0.59 16.15
CA LYS A 146 -13.38 0.19 16.80
C LYS A 146 -14.22 1.41 17.19
N GLY A 147 -13.63 2.59 17.08
CA GLY A 147 -14.32 3.83 17.41
C GLY A 147 -15.41 4.16 16.41
N LYS A 148 -16.23 5.16 16.74
CA LYS A 148 -17.29 5.60 15.85
C LYS A 148 -17.07 7.03 15.39
N ARG A 149 -17.58 7.35 14.21
CA ARG A 149 -17.50 8.71 13.71
C ARG A 149 -18.44 9.61 14.47
N LYS A 150 -18.39 10.90 14.17
CA LYS A 150 -19.30 11.83 14.81
C LYS A 150 -20.76 11.55 14.53
N ASP A 151 -21.05 11.07 13.34
CA ASP A 151 -22.42 10.80 12.93
C ASP A 151 -22.88 9.39 13.29
N GLY A 152 -22.07 8.65 14.03
CA GLY A 152 -22.46 7.34 14.51
C GLY A 152 -22.06 6.19 13.61
N VAL A 153 -21.44 6.51 12.47
CA VAL A 153 -20.99 5.49 11.53
C VAL A 153 -19.67 4.90 12.00
N ALA A 154 -19.54 3.58 11.91
CA ALA A 154 -18.32 2.89 12.31
C ALA A 154 -17.11 3.42 11.55
N CYS A 155 -16.06 3.74 12.30
CA CYS A 155 -14.82 4.24 11.72
C CYS A 155 -14.16 3.18 10.85
N THR A 156 -13.59 3.60 9.73
CA THR A 156 -12.94 2.67 8.81
C THR A 156 -11.46 3.00 8.62
N MET A 157 -10.90 3.72 9.59
CA MET A 157 -9.46 3.99 9.60
C MET A 157 -8.68 2.72 9.90
N ALA A 158 -7.58 2.52 9.18
CA ALA A 158 -6.75 1.34 9.39
C ALA A 158 -5.84 1.52 10.61
N ILE A 159 -5.72 0.47 11.42
CA ILE A 159 -4.93 0.54 12.62
C ILE A 159 -3.96 -0.64 12.73
N ASN A 160 -3.03 -0.54 13.68
CA ASN A 160 -2.19 -1.66 14.04
C ASN A 160 -2.74 -2.32 15.29
N LYS A 161 -3.49 -3.41 15.11
CA LYS A 161 -4.21 -4.06 16.20
C LYS A 161 -3.27 -4.53 17.33
N SER A 162 -1.99 -4.66 17.00
CA SER A 162 -0.99 -5.05 17.99
C SER A 162 -0.65 -3.90 18.93
N LYS A 163 -0.89 -2.68 18.47
CA LYS A 163 -0.48 -1.48 19.22
C LYS A 163 -1.67 -0.68 19.76
N GLY A 164 -2.88 -1.15 19.50
CA GLY A 164 -4.07 -0.43 19.92
C GLY A 164 -5.23 -0.68 18.98
N SER A 165 -6.40 -0.18 19.34
CA SER A 165 -7.60 -0.46 18.55
C SER A 165 -8.29 0.80 18.03
N TYR A 166 -7.61 1.93 18.06
CA TYR A 166 -8.25 3.20 17.70
C TYR A 166 -7.34 4.10 16.87
N CYS A 167 -7.96 5.01 16.09
CA CYS A 167 -7.23 5.94 15.22
C CYS A 167 -6.43 6.92 16.02
N LYS A 168 -5.82 7.86 15.30
CA LYS A 168 -5.31 9.08 15.90
C LYS A 168 -6.48 9.94 16.35
N PHE A 169 -7.61 9.75 15.66
CA PHE A 169 -8.82 10.55 15.88
C PHE A 169 -9.61 10.09 17.11
N HIS A 170 -9.36 8.86 17.56
CA HIS A 170 -10.09 8.32 18.71
C HIS A 170 -9.13 7.81 19.78
N SER A 171 -9.32 8.27 21.01
CA SER A 171 -8.42 7.92 22.11
C SER A 171 -9.13 7.98 23.46
#